data_1OCT
#
_entry.id   1OCT
#
_cell.length_a   97.500
_cell.length_b   89.800
_cell.length_c   80.000
_cell.angle_alpha   90.00
_cell.angle_beta   90.00
_cell.angle_gamma   90.00
#
_symmetry.space_group_name_H-M   'C 2 2 21'
#
loop_
_entity.id
_entity.type
_entity.pdbx_description
1 polymer "DNA (5'-D(*TP*GP*TP*AP*TP*GP*CP*AP*AP*AP*TP*AP*AP*GP*G)-3')"
2 polymer "DNA (5'-D(*AP*CP*CP*TP*TP*AP*TP*TP*TP*GP*CP*AP*TP*AP*C)-3')"
3 polymer 'PROTEIN (OCT-1 POU DOMAIN)'
#
loop_
_entity_poly.entity_id
_entity_poly.type
_entity_poly.pdbx_seq_one_letter_code
_entity_poly.pdbx_strand_id
1 'polydeoxyribonucleotide' (DT)(DG)(DT)(DA)(DT)(DG)(DC)(DA)(DA)(DA)(DT)(DA)(DA)(DG)(DG) A
2 'polydeoxyribonucleotide' (DA)(DC)(DC)(DT)(DT)(DA)(DT)(DT)(DT)(DG)(DC)(DA)(DT)(DA)(DC) B
3 'polypeptide(L)'
;DLEELEQFAKTFKQRRIKLGFTQGDVGLAMGKLYGNDFSQTTISRFEALNLSFKNMCKLKPLLEKWLNDAENLSSDSSLS
SPSALNSPGIEGLSRRRKKRTSIETNIRVALEKSFLENQKPTSEEITMIADQLNMEKEVIRVWFCNRRQKEKRINP
;
C
#
loop_
_chem_comp.id
_chem_comp.type
_chem_comp.name
_chem_comp.formula
DA DNA linking 2'-DEOXYADENOSINE-5'-MONOPHOSPHATE 'C10 H14 N5 O6 P'
DC DNA linking 2'-DEOXYCYTIDINE-5'-MONOPHOSPHATE 'C9 H14 N3 O7 P'
DG DNA linking 2'-DEOXYGUANOSINE-5'-MONOPHOSPHATE 'C10 H14 N5 O7 P'
DT DNA linking THYMIDINE-5'-MONOPHOSPHATE 'C10 H15 N2 O8 P'
#
# COMPACT_ATOMS: atom_id res chain seq x y z
N ASP C 1 2.26 -21.41 11.75
CA ASP C 1 1.07 -22.11 11.26
C ASP C 1 -0.21 -21.35 11.63
N LEU C 2 -1.35 -21.93 11.28
CA LEU C 2 -2.67 -21.34 11.49
C LEU C 2 -3.01 -20.69 12.82
N GLU C 3 -3.45 -21.49 13.79
CA GLU C 3 -3.84 -20.94 15.10
C GLU C 3 -2.78 -19.98 15.66
N GLU C 4 -1.53 -20.39 15.60
CA GLU C 4 -0.41 -19.58 16.09
C GLU C 4 -0.59 -18.09 15.75
N LEU C 5 -0.94 -17.82 14.50
CA LEU C 5 -1.15 -16.46 14.02
C LEU C 5 -2.49 -15.94 14.51
N GLU C 6 -3.48 -16.84 14.53
CA GLU C 6 -4.83 -16.55 14.98
C GLU C 6 -4.75 -15.87 16.34
N GLN C 7 -3.97 -16.48 17.24
CA GLN C 7 -3.77 -15.99 18.58
C GLN C 7 -2.91 -14.73 18.61
N PHE C 8 -1.70 -14.82 18.07
CA PHE C 8 -0.80 -13.68 18.08
C PHE C 8 -1.51 -12.39 17.72
N ALA C 9 -2.34 -12.45 16.69
CA ALA C 9 -3.09 -11.29 16.24
C ALA C 9 -3.86 -10.73 17.43
N LYS C 10 -4.63 -11.60 18.09
CA LYS C 10 -5.44 -11.23 19.24
C LYS C 10 -4.66 -10.66 20.43
N THR C 11 -3.79 -11.48 21.02
CA THR C 11 -3.01 -11.02 22.18
C THR C 11 -2.35 -9.68 21.83
N PHE C 12 -1.91 -9.56 20.58
CA PHE C 12 -1.27 -8.35 20.14
C PHE C 12 -2.22 -7.17 20.27
N LYS C 13 -3.47 -7.37 19.85
CA LYS C 13 -4.45 -6.29 19.94
C LYS C 13 -4.63 -5.84 21.39
N GLN C 14 -4.65 -6.79 22.31
CA GLN C 14 -4.81 -6.50 23.73
C GLN C 14 -3.62 -5.71 24.25
N ARG C 15 -2.47 -6.37 24.31
CA ARG C 15 -1.24 -5.75 24.79
C ARG C 15 -1.09 -4.34 24.22
N ARG C 16 -1.23 -4.22 22.90
CA ARG C 16 -1.09 -2.95 22.19
C ARG C 16 -1.93 -1.82 22.77
N ILE C 17 -3.24 -2.04 22.86
CA ILE C 17 -4.12 -1.03 23.36
C ILE C 17 -3.94 -0.77 24.84
N LYS C 18 -3.69 -1.83 25.60
CA LYS C 18 -3.47 -1.70 27.04
C LYS C 18 -2.33 -0.73 27.26
N LEU C 19 -1.23 -0.98 26.56
CA LEU C 19 -0.02 -0.17 26.65
C LEU C 19 -0.24 1.27 26.15
N GLY C 20 -1.49 1.61 25.85
CA GLY C 20 -1.81 2.94 25.40
C GLY C 20 -1.19 3.26 24.06
N PHE C 21 -1.58 2.49 23.05
CA PHE C 21 -1.08 2.68 21.70
C PHE C 21 -2.16 2.46 20.67
N THR C 22 -2.40 3.48 19.86
CA THR C 22 -3.38 3.42 18.80
C THR C 22 -2.68 2.68 17.66
N GLN C 23 -3.46 2.19 16.70
CA GLN C 23 -2.87 1.50 15.56
C GLN C 23 -2.01 2.50 14.82
N GLY C 24 -2.39 3.78 14.92
CA GLY C 24 -1.67 4.85 14.26
C GLY C 24 -0.25 5.00 14.78
N ASP C 25 -0.08 4.89 16.09
CA ASP C 25 1.24 4.99 16.71
C ASP C 25 2.00 3.74 16.29
N VAL C 26 1.44 2.59 16.64
CA VAL C 26 2.02 1.29 16.33
C VAL C 26 2.57 1.22 14.91
N GLY C 27 1.82 1.80 13.97
CA GLY C 27 2.28 1.78 12.60
C GLY C 27 3.53 2.60 12.45
N LEU C 28 3.45 3.88 12.84
CA LEU C 28 4.57 4.80 12.72
C LEU C 28 5.78 4.51 13.62
N ALA C 29 5.56 3.71 14.67
CA ALA C 29 6.64 3.35 15.58
C ALA C 29 7.61 2.47 14.81
N MET C 30 7.04 1.58 14.02
CA MET C 30 7.84 0.69 13.19
C MET C 30 8.53 1.52 12.12
N GLY C 31 8.01 2.72 11.90
CA GLY C 31 8.59 3.63 10.94
C GLY C 31 9.99 3.98 11.41
N LYS C 32 10.07 4.53 12.62
CA LYS C 32 11.34 4.90 13.22
C LYS C 32 11.97 3.64 13.84
N LEU C 33 11.81 2.51 13.14
CA LEU C 33 12.34 1.25 13.61
C LEU C 33 12.80 0.36 12.46
N TYR C 34 12.32 0.62 11.24
CA TYR C 34 12.71 -0.20 10.09
C TYR C 34 12.77 0.53 8.75
N GLY C 35 12.42 1.81 8.75
CA GLY C 35 12.45 2.57 7.51
C GLY C 35 11.04 2.79 6.96
N ASN C 36 10.41 1.73 6.43
CA ASN C 36 9.05 1.88 5.92
C ASN C 36 8.06 1.80 7.06
N ASP C 37 7.26 2.86 7.18
CA ASP C 37 6.24 2.92 8.20
C ASP C 37 5.01 2.20 7.66
N PHE C 38 4.11 1.83 8.55
CA PHE C 38 2.90 1.14 8.14
C PHE C 38 1.68 1.92 8.56
N SER C 39 0.86 2.30 7.59
CA SER C 39 -0.35 3.06 7.86
C SER C 39 -1.23 2.34 8.86
N GLN C 40 -2.13 3.09 9.46
CA GLN C 40 -3.06 2.56 10.45
C GLN C 40 -3.89 1.45 9.81
N THR C 41 -4.20 1.63 8.52
CA THR C 41 -4.99 0.67 7.77
C THR C 41 -4.40 -0.73 7.82
N THR C 42 -3.12 -0.87 7.52
CA THR C 42 -2.47 -2.17 7.55
C THR C 42 -2.51 -2.79 8.94
N ILE C 43 -2.35 -1.95 9.95
CA ILE C 43 -2.35 -2.42 11.33
C ILE C 43 -3.72 -2.96 11.69
N SER C 44 -4.75 -2.18 11.35
CA SER C 44 -6.12 -2.55 11.62
C SER C 44 -6.45 -3.86 10.95
N ARG C 45 -6.12 -3.95 9.66
CA ARG C 45 -6.38 -5.16 8.90
C ARG C 45 -5.66 -6.36 9.46
N PHE C 46 -4.46 -6.14 9.96
CA PHE C 46 -3.70 -7.26 10.53
C PHE C 46 -4.40 -7.77 11.77
N GLU C 47 -4.92 -6.83 12.56
CA GLU C 47 -5.61 -7.20 13.78
C GLU C 47 -6.88 -7.96 13.49
N ALA C 48 -7.61 -7.49 12.47
CA ALA C 48 -8.87 -8.12 12.09
C ALA C 48 -8.68 -9.36 11.23
N LEU C 49 -7.43 -9.78 11.04
CA LEU C 49 -7.10 -10.94 10.21
C LEU C 49 -7.64 -10.75 8.81
N ASN C 50 -7.71 -9.50 8.38
CA ASN C 50 -8.21 -9.14 7.07
C ASN C 50 -7.07 -8.98 6.06
N LEU C 51 -6.22 -9.99 5.96
CA LEU C 51 -5.09 -9.99 5.04
C LEU C 51 -4.80 -11.41 4.58
N SER C 52 -3.99 -11.54 3.54
CA SER C 52 -3.62 -12.85 3.01
C SER C 52 -2.75 -13.58 4.01
N PHE C 53 -2.88 -14.90 4.01
CA PHE C 53 -2.10 -15.73 4.91
C PHE C 53 -0.62 -15.39 4.84
N LYS C 54 -0.13 -15.13 3.64
CA LYS C 54 1.28 -14.78 3.44
C LYS C 54 1.63 -13.45 4.08
N ASN C 55 0.82 -12.45 3.82
CA ASN C 55 1.07 -11.12 4.37
C ASN C 55 0.96 -11.20 5.88
N MET C 56 0.11 -12.09 6.35
CA MET C 56 -0.07 -12.26 7.77
C MET C 56 1.19 -12.88 8.38
N CYS C 57 1.76 -13.84 7.67
CA CYS C 57 2.97 -14.51 8.13
C CYS C 57 4.18 -13.60 8.01
N LYS C 58 4.12 -12.68 7.06
CA LYS C 58 5.20 -11.74 6.83
C LYS C 58 5.22 -10.67 7.92
N LEU C 59 4.04 -10.22 8.34
CA LEU C 59 3.93 -9.16 9.32
C LEU C 59 4.05 -9.55 10.78
N LYS C 60 3.65 -10.77 11.13
CA LYS C 60 3.73 -11.22 12.52
C LYS C 60 5.05 -10.85 13.17
N PRO C 61 6.18 -11.37 12.65
CA PRO C 61 7.49 -11.06 13.22
C PRO C 61 7.67 -9.59 13.54
N LEU C 62 7.76 -8.76 12.51
CA LEU C 62 7.94 -7.32 12.66
C LEU C 62 7.16 -6.79 13.86
N LEU C 63 5.88 -7.13 13.90
CA LEU C 63 5.02 -6.68 14.98
C LEU C 63 5.41 -7.35 16.29
N GLU C 64 5.35 -8.67 16.33
CA GLU C 64 5.72 -9.44 17.52
C GLU C 64 6.95 -8.86 18.19
N LYS C 65 7.95 -8.52 17.36
CA LYS C 65 9.18 -7.92 17.87
C LYS C 65 8.80 -6.66 18.62
N TRP C 66 8.25 -5.71 17.87
CA TRP C 66 7.82 -4.42 18.43
C TRP C 66 7.08 -4.56 19.76
N LEU C 67 6.16 -5.53 19.81
CA LEU C 67 5.34 -5.78 20.99
C LEU C 67 6.13 -6.02 22.27
N ASN C 68 6.91 -7.10 22.29
CA ASN C 68 7.72 -7.43 23.45
C ASN C 68 8.70 -6.32 23.80
N ASP C 69 9.48 -5.90 22.81
CA ASP C 69 10.45 -4.82 22.97
C ASP C 69 9.81 -3.57 23.58
N ALA C 70 8.58 -3.28 23.16
CA ALA C 70 7.87 -2.11 23.68
C ALA C 70 7.29 -2.33 25.08
N GLU C 71 7.07 -3.60 25.44
CA GLU C 71 6.52 -3.93 26.76
C GLU C 71 7.50 -3.56 27.88
N ARG C 97 8.96 3.17 1.08
CA ARG C 97 7.89 3.18 0.09
C ARG C 97 7.47 4.60 -0.29
N LYS C 98 7.13 4.79 -1.56
CA LYS C 98 6.70 6.10 -2.07
C LYS C 98 5.30 6.47 -1.56
N LYS C 99 5.09 7.76 -1.30
CA LYS C 99 3.79 8.24 -0.84
C LYS C 99 2.79 8.03 -1.97
N ARG C 100 1.57 7.63 -1.62
CA ARG C 100 0.51 7.37 -2.60
C ARG C 100 0.11 8.62 -3.38
N THR C 101 0.42 8.63 -4.66
CA THR C 101 0.08 9.76 -5.51
C THR C 101 -1.43 9.80 -5.72
N SER C 102 -2.04 10.93 -5.37
CA SER C 102 -3.48 11.09 -5.54
C SER C 102 -3.79 11.61 -6.94
N ILE C 103 -4.04 10.68 -7.87
CA ILE C 103 -4.38 11.03 -9.24
C ILE C 103 -5.69 11.79 -9.20
N GLU C 104 -5.66 13.08 -9.54
CA GLU C 104 -6.87 13.86 -9.50
C GLU C 104 -7.82 13.50 -10.64
N THR C 105 -9.13 13.66 -10.41
CA THR C 105 -10.17 13.35 -11.39
C THR C 105 -9.87 13.83 -12.81
N ASN C 106 -9.47 15.09 -12.97
CA ASN C 106 -9.18 15.61 -14.30
C ASN C 106 -7.98 14.99 -14.99
N ILE C 107 -6.93 14.75 -14.23
CA ILE C 107 -5.73 14.14 -14.79
C ILE C 107 -6.03 12.70 -15.19
N ARG C 108 -6.88 12.06 -14.40
CA ARG C 108 -7.31 10.68 -14.64
C ARG C 108 -8.01 10.65 -16.00
N VAL C 109 -8.80 11.68 -16.27
CA VAL C 109 -9.53 11.79 -17.53
C VAL C 109 -8.58 11.92 -18.71
N ALA C 110 -7.71 12.93 -18.68
CA ALA C 110 -6.75 13.13 -19.76
C ALA C 110 -5.97 11.85 -20.00
N LEU C 111 -5.66 11.15 -18.90
CA LEU C 111 -4.93 9.90 -18.96
C LEU C 111 -5.76 8.88 -19.73
N GLU C 112 -7.04 8.82 -19.41
CA GLU C 112 -7.95 7.90 -20.07
C GLU C 112 -8.06 8.27 -21.54
N LYS C 113 -8.11 9.57 -21.82
CA LYS C 113 -8.22 10.05 -23.19
C LYS C 113 -7.01 9.56 -23.96
N SER C 114 -5.85 9.81 -23.39
CA SER C 114 -4.58 9.45 -23.98
C SER C 114 -4.52 7.96 -24.25
N PHE C 115 -4.91 7.17 -23.25
CA PHE C 115 -4.90 5.71 -23.35
C PHE C 115 -5.78 5.21 -24.50
N LEU C 116 -6.92 5.87 -24.71
CA LEU C 116 -7.83 5.48 -25.77
C LEU C 116 -7.21 5.63 -27.15
N GLU C 117 -6.24 6.53 -27.25
CA GLU C 117 -5.55 6.76 -28.51
C GLU C 117 -4.40 5.77 -28.63
N ASN C 118 -3.56 5.70 -27.59
CA ASN C 118 -2.44 4.78 -27.58
C ASN C 118 -2.34 4.10 -26.23
N GLN C 119 -2.60 2.79 -26.22
CA GLN C 119 -2.56 1.98 -25.01
C GLN C 119 -1.15 1.81 -24.40
N LYS C 120 -0.19 1.44 -25.26
CA LYS C 120 1.19 1.23 -24.82
C LYS C 120 2.04 2.41 -25.30
N PRO C 121 2.03 3.51 -24.54
CA PRO C 121 2.81 4.71 -24.90
C PRO C 121 4.31 4.45 -24.79
N THR C 122 5.07 5.26 -25.52
CA THR C 122 6.52 5.13 -25.56
C THR C 122 7.12 5.93 -24.42
N SER C 123 8.29 5.51 -23.94
CA SER C 123 8.97 6.20 -22.84
C SER C 123 8.97 7.70 -23.02
N GLU C 124 9.42 8.17 -24.19
CA GLU C 124 9.46 9.59 -24.47
C GLU C 124 8.07 10.20 -24.45
N GLU C 125 7.09 9.43 -24.94
CA GLU C 125 5.71 9.90 -24.95
C GLU C 125 5.27 10.10 -23.50
N ILE C 126 5.64 9.12 -22.66
CA ILE C 126 5.31 9.13 -21.24
C ILE C 126 5.92 10.38 -20.62
N THR C 127 7.20 10.61 -20.93
CA THR C 127 7.91 11.76 -20.43
C THR C 127 7.14 13.02 -20.81
N MET C 128 6.78 13.09 -22.10
CA MET C 128 6.03 14.21 -22.67
C MET C 128 4.75 14.49 -21.88
N ILE C 129 4.05 13.43 -21.51
CA ILE C 129 2.79 13.54 -20.77
C ILE C 129 3.00 14.03 -19.34
N ALA C 130 4.01 13.47 -18.66
CA ALA C 130 4.32 13.86 -17.28
C ALA C 130 4.60 15.37 -17.26
N ASP C 131 5.22 15.81 -18.36
CA ASP C 131 5.60 17.20 -18.61
C ASP C 131 4.37 18.10 -18.74
N GLN C 132 3.42 17.67 -19.57
CA GLN C 132 2.21 18.45 -19.79
C GLN C 132 1.21 18.30 -18.64
N LEU C 133 1.37 17.25 -17.84
CA LEU C 133 0.47 17.02 -16.72
C LEU C 133 1.09 17.24 -15.35
N ASN C 134 2.17 18.04 -15.33
CA ASN C 134 2.91 18.44 -14.11
C ASN C 134 3.38 17.36 -13.14
N MET C 135 3.03 16.10 -13.41
CA MET C 135 3.39 15.02 -12.50
C MET C 135 4.64 14.23 -12.88
N GLU C 136 5.14 13.48 -11.90
CA GLU C 136 6.31 12.65 -12.05
C GLU C 136 6.11 11.62 -13.16
N LYS C 137 7.15 11.44 -13.97
CA LYS C 137 7.12 10.48 -15.07
C LYS C 137 6.64 9.11 -14.58
N GLU C 138 7.28 8.63 -13.52
CA GLU C 138 6.99 7.32 -12.94
C GLU C 138 5.52 7.04 -12.62
N VAL C 139 4.85 8.00 -11.98
CA VAL C 139 3.45 7.81 -11.64
C VAL C 139 2.64 7.55 -12.91
N ILE C 140 3.14 8.00 -14.06
CA ILE C 140 2.46 7.78 -15.32
C ILE C 140 2.69 6.39 -15.88
N ARG C 141 3.94 5.92 -15.88
CA ARG C 141 4.22 4.59 -16.41
C ARG C 141 3.40 3.55 -15.65
N VAL C 142 3.36 3.70 -14.33
CA VAL C 142 2.63 2.80 -13.47
C VAL C 142 1.14 2.86 -13.79
N TRP C 143 0.60 4.05 -14.02
CA TRP C 143 -0.82 4.18 -14.34
C TRP C 143 -1.12 3.45 -15.64
N PHE C 144 -0.24 3.57 -16.61
CA PHE C 144 -0.45 2.91 -17.89
C PHE C 144 -0.39 1.41 -17.76
N CYS C 145 0.36 0.92 -16.78
CA CYS C 145 0.47 -0.51 -16.57
C CYS C 145 -0.77 -1.00 -15.82
N ASN C 146 -1.28 -0.17 -14.91
CA ASN C 146 -2.47 -0.52 -14.14
C ASN C 146 -3.68 -0.47 -15.04
N ARG C 147 -3.68 0.50 -15.93
CA ARG C 147 -4.77 0.69 -16.86
C ARG C 147 -4.88 -0.48 -17.81
N ARG C 148 -3.73 -0.97 -18.25
CA ARG C 148 -3.69 -2.12 -19.15
C ARG C 148 -4.23 -3.34 -18.44
N GLN C 149 -4.07 -3.34 -17.12
CA GLN C 149 -4.55 -4.43 -16.28
C GLN C 149 -6.06 -4.32 -16.15
N LYS C 150 -6.55 -3.09 -15.94
CA LYS C 150 -7.98 -2.87 -15.81
C LYS C 150 -8.62 -3.29 -17.13
N GLU C 151 -7.92 -2.97 -18.22
CA GLU C 151 -8.41 -3.29 -19.56
C GLU C 151 -8.59 -4.79 -19.77
N LYS C 152 -7.67 -5.57 -19.23
CA LYS C 152 -7.72 -7.02 -19.35
C LYS C 152 -8.95 -7.58 -18.66
N ARG C 153 -9.32 -6.98 -17.54
CA ARG C 153 -10.48 -7.42 -16.77
C ARG C 153 -11.78 -7.04 -17.45
N ILE C 154 -11.68 -6.19 -18.46
CA ILE C 154 -12.86 -5.76 -19.20
C ILE C 154 -12.96 -6.55 -20.50
N ASN C 155 -11.81 -6.84 -21.11
CA ASN C 155 -11.75 -7.57 -22.38
C ASN C 155 -10.65 -8.63 -22.37
N PRO C 156 -10.93 -9.80 -21.79
CA PRO C 156 -10.00 -10.92 -21.69
C PRO C 156 -9.49 -11.39 -23.05
#